data_1TUX
#
_entry.id   1TUX
#
_cell.length_a   41.690
_cell.length_b   68.100
_cell.length_c   51.440
_cell.angle_alpha   90.00
_cell.angle_beta   113.59
_cell.angle_gamma   90.00
#
_symmetry.space_group_name_H-M   'P 1 21 1'
#
loop_
_entity.id
_entity.type
_entity.pdbx_description
1 polymer XYLANASE
2 water water
#
_entity_poly.entity_id   1
_entity_poly.type   'polypeptide(L)'
_entity_poly.pdbx_seq_one_letter_code
;AAAQSVDQLIDARGKVYFGVATDQNRLTTGKNAAIIQADFGQVTPENSMKWDATEPSQGNFNFAGADYLVNWAQQNGKLI
RGHTLVWHSQLPSWVVSITDKNTLTNVMKNHITTIMTRYIGKIRAWDVVNEAFNEDGSLRQTVFNNVIGEDYIPIAFRTA
RAADPNAKLYINDYNLDSASKPKTSAIVKRVKKWRAAGVPIDGIGSQTHLSAGQGASIDAALPNLASAGTPEVAITELDI
AGATSTDYVDVVNACLDVDSCIGITVWGVADPDSWRASTTPLLFDGNFNPKPAYNAIVQLL
;
_entity_poly.pdbx_strand_id   A
#
# COMPACT_ATOMS: atom_id res chain seq x y z
N ALA A 1 22.38 -0.28 -8.63
CA ALA A 1 21.25 0.41 -9.36
C ALA A 1 21.26 0.13 -10.87
N ALA A 2 20.06 0.10 -11.49
CA ALA A 2 19.98 -0.11 -12.93
C ALA A 2 20.12 1.27 -13.59
N ALA A 3 20.74 1.31 -14.76
CA ALA A 3 20.98 2.57 -15.48
C ALA A 3 19.69 3.28 -15.89
N GLN A 4 18.65 2.50 -16.12
CA GLN A 4 17.36 3.00 -16.52
C GLN A 4 16.37 2.96 -15.38
N SER A 5 15.73 4.07 -15.17
CA SER A 5 14.75 4.25 -14.12
C SER A 5 13.33 3.92 -14.58
N VAL A 6 12.72 2.91 -13.95
CA VAL A 6 11.34 2.53 -14.25
C VAL A 6 10.41 3.68 -13.82
N ASP A 7 10.84 4.46 -12.83
CA ASP A 7 10.03 5.60 -12.37
C ASP A 7 9.93 6.71 -13.43
N GLN A 8 11.08 7.13 -13.94
CA GLN A 8 11.13 8.17 -14.94
C GLN A 8 10.39 7.75 -16.20
N LEU A 9 10.54 6.48 -16.58
CA LEU A 9 9.88 5.94 -17.78
C LEU A 9 8.36 5.89 -17.63
N ILE A 10 7.86 5.52 -16.45
CA ILE A 10 6.42 5.48 -16.26
C ILE A 10 5.87 6.91 -16.17
N ASP A 11 6.67 7.83 -15.65
CA ASP A 11 6.26 9.23 -15.55
C ASP A 11 6.07 9.76 -16.98
N ALA A 12 6.97 9.36 -17.88
CA ALA A 12 6.90 9.78 -19.28
C ALA A 12 5.64 9.27 -19.96
N ARG A 13 5.08 8.19 -19.41
CA ARG A 13 3.85 7.63 -19.93
C ARG A 13 2.62 8.25 -19.24
N GLY A 14 2.84 9.28 -18.44
CA GLY A 14 1.72 9.94 -17.78
C GLY A 14 1.30 9.41 -16.42
N LYS A 15 2.10 8.54 -15.79
CA LYS A 15 1.75 8.04 -14.45
C LYS A 15 2.50 8.87 -13.42
N VAL A 16 2.16 8.68 -12.13
CA VAL A 16 2.75 9.43 -11.05
C VAL A 16 4.05 8.87 -10.50
N TYR A 17 4.14 7.57 -10.37
CA TYR A 17 5.34 6.96 -9.81
C TYR A 17 5.43 5.45 -9.99
N PHE A 18 6.64 4.94 -9.76
CA PHE A 18 6.93 3.52 -9.71
C PHE A 18 7.79 3.49 -8.44
N GLY A 19 7.28 2.89 -7.37
CA GLY A 19 8.01 2.87 -6.10
C GLY A 19 8.28 1.53 -5.45
N VAL A 20 8.74 1.57 -4.20
CA VAL A 20 9.11 0.35 -3.48
C VAL A 20 8.91 0.51 -1.97
N ALA A 21 8.74 -0.62 -1.28
CA ALA A 21 8.63 -0.64 0.18
C ALA A 21 10.05 -0.60 0.72
N THR A 22 10.26 0.06 1.86
CA THR A 22 11.58 0.13 2.49
C THR A 22 11.45 0.66 3.92
N ASP A 23 12.59 0.84 4.60
CA ASP A 23 12.65 1.37 5.96
C ASP A 23 14.10 1.61 6.34
N GLN A 24 14.31 2.17 7.52
CA GLN A 24 15.64 2.49 7.98
C GLN A 24 16.58 1.32 7.95
N ASN A 25 16.12 0.13 8.35
CA ASN A 25 17.01 -1.03 8.34
C ASN A 25 17.53 -1.39 6.93
N ARG A 26 16.74 -1.12 5.90
CA ARG A 26 17.19 -1.41 4.53
C ARG A 26 18.03 -0.25 4.00
N LEU A 27 17.56 0.97 4.23
CA LEU A 27 18.26 2.14 3.74
C LEU A 27 19.69 2.30 4.25
N THR A 28 19.99 1.73 5.41
CA THR A 28 21.33 1.82 5.98
C THR A 28 22.22 0.59 5.72
N THR A 29 21.74 -0.33 4.87
CA THR A 29 22.48 -1.55 4.53
C THR A 29 22.50 -1.84 3.02
N GLY A 30 23.49 -2.60 2.58
CA GLY A 30 23.57 -2.99 1.18
C GLY A 30 23.52 -1.87 0.17
N LYS A 31 22.87 -2.14 -0.96
CA LYS A 31 22.77 -1.17 -2.05
C LYS A 31 21.38 -0.60 -2.16
N ASN A 32 20.55 -0.88 -1.15
CA ASN A 32 19.17 -0.41 -1.16
C ASN A 32 18.97 1.07 -1.44
N ALA A 33 19.64 1.94 -0.69
CA ALA A 33 19.48 3.39 -0.87
C ALA A 33 19.82 3.87 -2.27
N ALA A 34 20.96 3.41 -2.81
CA ALA A 34 21.38 3.81 -4.15
C ALA A 34 20.37 3.36 -5.23
N ILE A 35 19.82 2.15 -5.08
CA ILE A 35 18.85 1.64 -6.04
C ILE A 35 17.57 2.47 -6.00
N ILE A 36 17.09 2.77 -4.79
CA ILE A 36 15.89 3.58 -4.65
C ILE A 36 16.12 4.99 -5.18
N GLN A 37 17.27 5.57 -4.90
CA GLN A 37 17.56 6.92 -5.39
C GLN A 37 17.53 6.98 -6.91
N ALA A 38 18.20 6.02 -7.54
CA ALA A 38 18.31 5.97 -9.00
C ALA A 38 17.11 5.48 -9.82
N ASP A 39 16.44 4.44 -9.34
CA ASP A 39 15.37 3.82 -10.11
C ASP A 39 13.90 3.99 -9.73
N PHE A 40 13.63 4.46 -8.52
CA PHE A 40 12.24 4.56 -8.06
C PHE A 40 11.90 5.98 -7.64
N GLY A 41 10.61 6.29 -7.55
CA GLY A 41 10.25 7.65 -7.16
C GLY A 41 9.28 7.72 -6.01
N GLN A 42 9.11 6.61 -5.29
CA GLN A 42 8.15 6.57 -4.20
C GLN A 42 8.51 5.46 -3.23
N VAL A 43 8.24 5.69 -1.93
CA VAL A 43 8.53 4.67 -0.90
C VAL A 43 7.34 4.46 0.02
N THR A 44 7.19 3.23 0.50
CA THR A 44 6.15 2.89 1.48
C THR A 44 6.91 2.27 2.66
N PRO A 45 6.67 2.75 3.91
CA PRO A 45 7.39 2.14 5.03
C PRO A 45 6.90 0.70 5.19
N GLU A 46 7.85 -0.22 5.25
CA GLU A 46 7.51 -1.61 5.35
C GLU A 46 6.88 -1.95 6.70
N ASN A 47 7.40 -1.33 7.76
CA ASN A 47 6.91 -1.59 9.12
C ASN A 47 6.88 -0.42 10.08
N SER A 48 7.67 0.60 9.83
CA SER A 48 7.81 1.73 10.76
C SER A 48 6.58 2.58 11.09
N MET A 49 5.53 2.48 10.27
CA MET A 49 4.32 3.25 10.52
C MET A 49 3.16 2.41 11.02
N LYS A 50 3.43 1.14 11.28
CA LYS A 50 2.40 0.24 11.78
C LYS A 50 2.10 0.52 13.27
N TRP A 51 0.96 0.08 13.77
CA TRP A 51 0.56 0.35 15.14
C TRP A 51 1.54 -0.13 16.22
N ASP A 52 2.07 -1.34 16.07
CA ASP A 52 3.01 -1.90 17.04
C ASP A 52 4.30 -1.09 17.15
N ALA A 53 4.67 -0.47 16.04
CA ALA A 53 5.89 0.33 15.98
C ALA A 53 5.70 1.76 16.52
N THR A 54 4.56 2.36 16.20
CA THR A 54 4.28 3.74 16.55
C THR A 54 3.63 4.00 17.92
N GLU A 55 2.75 3.11 18.36
CA GLU A 55 2.11 3.29 19.67
C GLU A 55 2.16 1.95 20.42
N PRO A 56 3.37 1.52 20.83
CA PRO A 56 3.54 0.26 21.53
C PRO A 56 2.84 0.17 22.89
N SER A 57 2.65 1.34 23.50
CA SER A 57 1.98 1.48 24.81
C SER A 57 1.03 2.67 24.61
N GLN A 58 -0.23 2.56 25.07
CA GLN A 58 -1.19 3.65 24.89
C GLN A 58 -0.66 5.05 25.19
N GLY A 59 -0.79 5.94 24.23
CA GLY A 59 -0.33 7.30 24.40
C GLY A 59 1.16 7.54 24.45
N ASN A 60 1.96 6.48 24.34
CA ASN A 60 3.42 6.60 24.37
C ASN A 60 3.94 6.29 22.95
N PHE A 61 3.91 7.31 22.10
CA PHE A 61 4.29 7.16 20.69
C PHE A 61 5.77 7.06 20.44
N ASN A 62 6.12 6.33 19.39
CA ASN A 62 7.51 6.15 18.98
C ASN A 62 7.55 6.43 17.47
N PHE A 63 8.22 7.51 17.10
CA PHE A 63 8.31 7.92 15.69
C PHE A 63 9.70 7.85 15.10
N ALA A 64 10.67 7.32 15.83
CA ALA A 64 12.05 7.29 15.33
C ALA A 64 12.21 6.73 13.91
N GLY A 65 11.69 5.52 13.70
CA GLY A 65 11.80 4.89 12.39
C GLY A 65 11.04 5.62 11.31
N ALA A 66 9.80 6.00 11.62
CA ALA A 66 8.97 6.70 10.65
C ALA A 66 9.60 8.06 10.27
N ASP A 67 10.11 8.79 11.27
CA ASP A 67 10.75 10.08 11.04
C ASP A 67 11.95 9.96 10.10
N TYR A 68 12.75 8.90 10.29
CA TYR A 68 13.91 8.66 9.46
C TYR A 68 13.49 8.49 8.00
N LEU A 69 12.49 7.64 7.77
CA LEU A 69 12.01 7.43 6.40
C LEU A 69 11.45 8.69 5.73
N VAL A 70 10.56 9.41 6.41
CA VAL A 70 9.97 10.64 5.86
C VAL A 70 11.08 11.67 5.52
N ASN A 71 12.01 11.91 6.44
CA ASN A 71 13.09 12.86 6.20
C ASN A 71 13.96 12.40 5.01
N TRP A 72 14.31 11.11 4.97
CA TRP A 72 15.11 10.55 3.87
C TRP A 72 14.37 10.74 2.52
N ALA A 73 13.09 10.39 2.46
CA ALA A 73 12.30 10.53 1.24
C ALA A 73 12.22 11.99 0.77
N GLN A 74 12.01 12.91 1.70
CA GLN A 74 11.91 14.31 1.35
C GLN A 74 13.22 14.84 0.76
N GLN A 75 14.32 14.52 1.42
CA GLN A 75 15.64 14.96 0.99
C GLN A 75 15.98 14.41 -0.38
N ASN A 76 15.49 13.21 -0.67
CA ASN A 76 15.76 12.53 -1.93
C ASN A 76 14.68 12.64 -3.00
N GLY A 77 13.70 13.51 -2.77
CA GLY A 77 12.62 13.71 -3.73
C GLY A 77 11.71 12.53 -3.99
N LYS A 78 11.50 11.66 -3.01
CA LYS A 78 10.62 10.51 -3.23
C LYS A 78 9.26 10.74 -2.56
N LEU A 79 8.19 10.37 -3.26
CA LEU A 79 6.84 10.47 -2.72
C LEU A 79 6.69 9.41 -1.64
N ILE A 80 5.75 9.59 -0.73
CA ILE A 80 5.57 8.64 0.36
C ILE A 80 4.14 8.17 0.48
N ARG A 81 3.94 6.87 0.65
CA ARG A 81 2.60 6.34 0.91
C ARG A 81 2.65 5.88 2.37
N GLY A 82 1.81 6.50 3.21
CA GLY A 82 1.76 6.15 4.62
C GLY A 82 1.12 4.78 4.72
N HIS A 83 1.82 3.90 5.41
CA HIS A 83 1.32 2.56 5.50
C HIS A 83 1.00 2.01 6.86
N THR A 84 -0.31 1.94 6.87
CA THR A 84 -1.34 1.51 7.72
C THR A 84 -1.75 1.89 9.10
N LEU A 85 -2.85 2.63 9.08
CA LEU A 85 -3.47 3.16 10.27
C LEU A 85 -4.29 2.12 11.01
N VAL A 86 -5.32 1.58 10.37
CA VAL A 86 -6.20 0.60 11.01
C VAL A 86 -6.04 -0.80 10.39
N TRP A 87 -5.51 -1.73 11.18
CA TRP A 87 -5.28 -3.09 10.70
C TRP A 87 -5.31 -4.04 11.90
N HIS A 88 -5.75 -5.28 11.69
CA HIS A 88 -5.82 -6.28 12.77
C HIS A 88 -4.50 -6.97 13.09
N SER A 89 -3.54 -6.89 12.17
CA SER A 89 -2.24 -7.53 12.35
C SER A 89 -1.22 -6.50 12.87
N GLN A 90 -0.15 -6.96 13.52
CA GLN A 90 0.85 -6.03 14.08
C GLN A 90 0.17 -4.95 14.95
N LEU A 91 -0.80 -5.43 15.76
CA LEU A 91 -1.62 -4.62 16.69
C LEU A 91 -1.27 -5.01 18.15
N PRO A 92 -0.85 -4.04 18.99
CA PRO A 92 -0.51 -4.38 20.37
C PRO A 92 -1.70 -4.96 21.14
N SER A 93 -1.38 -5.78 22.15
CA SER A 93 -2.39 -6.43 23.01
C SER A 93 -3.29 -5.47 23.76
N TRP A 94 -2.75 -4.31 24.12
CA TRP A 94 -3.55 -3.34 24.87
C TRP A 94 -4.74 -2.86 24.06
N VAL A 95 -4.60 -2.86 22.72
CA VAL A 95 -5.68 -2.42 21.85
C VAL A 95 -6.69 -3.53 21.71
N VAL A 96 -6.20 -4.73 21.43
CA VAL A 96 -7.05 -5.89 21.22
C VAL A 96 -7.84 -6.36 22.44
N SER A 97 -7.38 -6.00 23.65
CA SER A 97 -8.08 -6.40 24.87
C SER A 97 -9.29 -5.50 25.22
N ILE A 98 -9.43 -4.35 24.55
CA ILE A 98 -10.53 -3.41 24.80
C ILE A 98 -11.86 -3.91 24.25
N THR A 99 -12.89 -3.87 25.07
CA THR A 99 -14.21 -4.36 24.65
C THR A 99 -15.26 -3.27 24.66
N ASP A 100 -14.89 -2.08 25.11
CA ASP A 100 -15.82 -0.96 25.19
C ASP A 100 -15.76 -0.13 23.91
N LYS A 101 -16.92 0.07 23.29
CA LYS A 101 -17.06 0.83 22.06
C LYS A 101 -16.49 2.25 22.10
N ASN A 102 -16.89 3.02 23.12
CA ASN A 102 -16.39 4.40 23.23
C ASN A 102 -14.90 4.49 23.47
N THR A 103 -14.37 3.61 24.31
CA THR A 103 -12.92 3.58 24.57
C THR A 103 -12.15 3.27 23.26
N LEU A 104 -12.59 2.22 22.52
CA LEU A 104 -11.90 1.84 21.28
C LEU A 104 -12.00 2.91 20.19
N THR A 105 -13.19 3.52 20.04
CA THR A 105 -13.38 4.58 19.06
C THR A 105 -12.40 5.74 19.29
N ASN A 106 -12.26 6.20 20.54
CA ASN A 106 -11.32 7.30 20.86
C ASN A 106 -9.87 6.88 20.66
N VAL A 107 -9.53 5.65 21.02
CA VAL A 107 -8.18 5.14 20.86
C VAL A 107 -7.84 5.13 19.35
N MET A 108 -8.76 4.62 18.54
CA MET A 108 -8.57 4.56 17.09
C MET A 108 -8.42 5.96 16.49
N LYS A 109 -9.32 6.88 16.84
CA LYS A 109 -9.24 8.24 16.33
C LYS A 109 -7.95 8.96 16.76
N ASN A 110 -7.53 8.74 18.01
CA ASN A 110 -6.30 9.37 18.53
C ASN A 110 -5.08 8.83 17.78
N HIS A 111 -5.08 7.53 17.50
CA HIS A 111 -3.97 6.91 16.76
C HIS A 111 -3.84 7.49 15.33
N ILE A 112 -4.97 7.60 14.64
CA ILE A 112 -5.02 8.14 13.28
C ILE A 112 -4.59 9.62 13.27
N THR A 113 -5.24 10.42 14.10
CA THR A 113 -4.96 11.85 14.16
C THR A 113 -3.53 12.19 14.54
N THR A 114 -2.96 11.45 15.48
CA THR A 114 -1.61 11.72 15.93
C THR A 114 -0.59 11.45 14.83
N ILE A 115 -0.70 10.30 14.17
CA ILE A 115 0.26 9.97 13.11
C ILE A 115 0.10 10.87 11.87
N MET A 116 -1.14 11.11 11.45
CA MET A 116 -1.36 11.94 10.27
C MET A 116 -0.98 13.39 10.48
N THR A 117 -1.15 13.89 11.70
CA THR A 117 -0.83 15.28 12.00
C THR A 117 0.66 15.52 12.01
N ARG A 118 1.42 14.56 12.53
CA ARG A 118 2.86 14.72 12.60
C ARG A 118 3.47 14.90 11.21
N TYR A 119 2.88 14.27 10.20
CA TYR A 119 3.41 14.36 8.84
C TYR A 119 2.49 15.07 7.85
N ILE A 120 1.58 15.89 8.36
CA ILE A 120 0.63 16.61 7.51
C ILE A 120 1.32 17.33 6.34
N GLY A 121 0.77 17.12 5.14
CA GLY A 121 1.32 17.76 3.94
C GLY A 121 2.54 17.10 3.31
N LYS A 122 3.10 16.07 3.96
CA LYS A 122 4.28 15.39 3.44
C LYS A 122 4.00 13.99 2.86
N ILE A 123 2.79 13.51 3.04
CA ILE A 123 2.43 12.16 2.60
C ILE A 123 1.38 12.27 1.51
N ARG A 124 1.70 11.66 0.38
CA ARG A 124 0.82 11.70 -0.77
C ARG A 124 -0.48 10.97 -0.55
N ALA A 125 -0.38 9.76 0.01
CA ALA A 125 -1.54 8.92 0.26
C ALA A 125 -1.33 8.06 1.51
N TRP A 126 -2.42 7.62 2.12
CA TRP A 126 -2.36 6.74 3.29
C TRP A 126 -3.29 5.55 3.10
N ASP A 127 -2.82 4.40 3.51
CA ASP A 127 -3.65 3.19 3.54
C ASP A 127 -4.30 3.32 4.92
N VAL A 128 -5.49 3.91 4.95
CA VAL A 128 -6.23 4.13 6.20
C VAL A 128 -6.73 2.84 6.82
N VAL A 129 -7.43 2.02 6.03
CA VAL A 129 -7.95 0.73 6.51
C VAL A 129 -7.27 -0.32 5.63
N ASN A 130 -6.71 -1.35 6.27
CA ASN A 130 -6.01 -2.43 5.57
C ASN A 130 -6.68 -3.78 5.82
N GLU A 131 -6.88 -4.54 4.75
CA GLU A 131 -7.44 -5.90 4.80
C GLU A 131 -8.70 -6.06 5.63
N ALA A 132 -9.71 -5.23 5.34
CA ALA A 132 -11.00 -5.27 6.04
C ALA A 132 -11.99 -6.32 5.53
N PHE A 133 -11.63 -7.04 4.46
CA PHE A 133 -12.53 -8.03 3.86
C PHE A 133 -12.13 -9.49 3.98
N ASN A 134 -13.15 -10.32 4.20
CA ASN A 134 -12.97 -11.77 4.25
C ASN A 134 -12.95 -12.24 2.78
N GLU A 135 -12.49 -13.47 2.56
CA GLU A 135 -12.43 -13.99 1.18
C GLU A 135 -13.77 -14.19 0.50
N ASP A 136 -14.85 -14.20 1.26
CA ASP A 136 -16.17 -14.37 0.68
C ASP A 136 -16.83 -13.02 0.41
N GLY A 137 -16.11 -11.95 0.69
CA GLY A 137 -16.68 -10.63 0.46
C GLY A 137 -17.30 -9.97 1.70
N SER A 138 -17.49 -10.74 2.77
CA SER A 138 -18.03 -10.18 4.01
C SER A 138 -16.93 -9.40 4.73
N LEU A 139 -17.30 -8.57 5.69
CA LEU A 139 -16.29 -7.81 6.43
C LEU A 139 -15.59 -8.70 7.45
N ARG A 140 -14.27 -8.58 7.50
CA ARG A 140 -13.43 -9.33 8.43
C ARG A 140 -13.76 -8.96 9.89
N GLN A 141 -13.97 -9.98 10.72
CA GLN A 141 -14.33 -9.78 12.12
C GLN A 141 -13.14 -9.53 13.04
N THR A 142 -12.62 -8.31 12.96
CA THR A 142 -11.49 -7.89 13.77
C THR A 142 -12.03 -7.18 15.03
N VAL A 143 -11.14 -6.85 15.97
CA VAL A 143 -11.55 -6.14 17.20
C VAL A 143 -12.34 -4.86 16.85
N PHE A 144 -11.94 -4.16 15.79
CA PHE A 144 -12.62 -2.95 15.37
C PHE A 144 -14.06 -3.17 14.89
N ASN A 145 -14.27 -4.24 14.13
CA ASN A 145 -15.58 -4.55 13.60
C ASN A 145 -16.45 -5.09 14.75
N ASN A 146 -15.85 -5.93 15.59
CA ASN A 146 -16.53 -6.57 16.72
C ASN A 146 -16.95 -5.61 17.83
N VAL A 147 -16.09 -4.65 18.15
CA VAL A 147 -16.37 -3.70 19.22
C VAL A 147 -17.06 -2.43 18.75
N ILE A 148 -16.56 -1.82 17.67
CA ILE A 148 -17.16 -0.58 17.16
C ILE A 148 -18.32 -0.85 16.20
N GLY A 149 -18.19 -1.92 15.42
CA GLY A 149 -19.20 -2.21 14.43
C GLY A 149 -18.76 -1.71 13.05
N GLU A 150 -19.64 -1.92 12.09
CA GLU A 150 -19.45 -1.58 10.68
C GLU A 150 -19.02 -0.11 10.45
N ASP A 151 -19.47 0.78 11.35
CA ASP A 151 -19.15 2.19 11.25
C ASP A 151 -17.69 2.53 11.47
N TYR A 152 -16.87 1.58 11.92
CA TYR A 152 -15.47 1.88 12.15
C TYR A 152 -14.80 2.36 10.86
N ILE A 153 -15.23 1.83 9.72
CA ILE A 153 -14.65 2.24 8.44
C ILE A 153 -14.98 3.71 8.15
N PRO A 154 -16.28 4.10 8.13
CA PRO A 154 -16.56 5.51 7.85
C PRO A 154 -15.85 6.43 8.88
N ILE A 155 -15.84 6.03 10.15
CA ILE A 155 -15.20 6.82 11.19
C ILE A 155 -13.72 7.02 10.92
N ALA A 156 -13.03 5.94 10.53
CA ALA A 156 -11.60 6.00 10.23
C ALA A 156 -11.30 6.96 9.08
N PHE A 157 -12.10 6.90 7.99
CA PHE A 157 -11.90 7.80 6.84
C PHE A 157 -12.23 9.26 7.16
N ARG A 158 -13.33 9.49 7.86
CA ARG A 158 -13.71 10.85 8.27
C ARG A 158 -12.61 11.50 9.11
N THR A 159 -12.08 10.75 10.06
CA THR A 159 -11.04 11.22 10.97
C THR A 159 -9.76 11.56 10.20
N ALA A 160 -9.40 10.68 9.26
CA ALA A 160 -8.21 10.85 8.42
C ALA A 160 -8.33 12.10 7.52
N ARG A 161 -9.51 12.33 6.94
CA ARG A 161 -9.73 13.50 6.07
C ARG A 161 -9.56 14.80 6.84
N ALA A 162 -10.01 14.78 8.09
CA ALA A 162 -9.92 15.93 8.98
C ALA A 162 -8.47 16.19 9.41
N ALA A 163 -7.73 15.11 9.64
CA ALA A 163 -6.34 15.21 10.08
C ALA A 163 -5.40 15.82 9.02
N ASP A 164 -5.56 15.42 7.76
CA ASP A 164 -4.72 15.96 6.66
C ASP A 164 -5.57 15.88 5.38
N PRO A 165 -6.28 16.97 5.05
CA PRO A 165 -7.12 16.96 3.84
C PRO A 165 -6.34 16.89 2.53
N ASN A 166 -5.02 16.99 2.62
CA ASN A 166 -4.16 16.94 1.44
C ASN A 166 -3.88 15.50 0.98
N ALA A 167 -3.99 14.54 1.89
CA ALA A 167 -3.67 13.14 1.57
C ALA A 167 -4.76 12.33 0.86
N LYS A 168 -4.37 11.46 -0.08
CA LYS A 168 -5.33 10.60 -0.77
C LYS A 168 -5.58 9.44 0.21
N LEU A 169 -6.84 9.19 0.52
CA LEU A 169 -7.21 8.16 1.49
C LEU A 169 -7.62 6.84 0.80
N TYR A 170 -6.86 5.80 1.10
CA TYR A 170 -7.05 4.49 0.50
C TYR A 170 -7.54 3.40 1.41
N ILE A 171 -8.30 2.48 0.82
CA ILE A 171 -8.67 1.24 1.49
C ILE A 171 -7.79 0.25 0.68
N ASN A 172 -7.00 -0.56 1.38
CA ASN A 172 -6.07 -1.48 0.73
C ASN A 172 -6.41 -2.93 1.00
N ASP A 173 -6.25 -3.80 0.00
CA ASP A 173 -6.53 -5.23 0.23
C ASP A 173 -5.83 -6.11 -0.79
N TYR A 174 -5.79 -7.42 -0.52
CA TYR A 174 -5.16 -8.40 -1.40
C TYR A 174 -6.22 -9.37 -1.97
N ASN A 175 -5.80 -10.20 -2.94
CA ASN A 175 -6.69 -11.13 -3.63
C ASN A 175 -7.81 -10.40 -4.41
N LEU A 176 -7.46 -9.24 -4.97
CA LEU A 176 -8.39 -8.47 -5.82
C LEU A 176 -7.83 -8.61 -7.24
N ASP A 177 -7.20 -9.75 -7.49
CA ASP A 177 -6.50 -9.98 -8.75
C ASP A 177 -7.28 -10.61 -9.90
N SER A 178 -8.45 -11.17 -9.58
CA SER A 178 -9.28 -11.77 -10.62
C SER A 178 -10.64 -11.08 -10.58
N ALA A 179 -11.14 -10.68 -11.75
CA ALA A 179 -12.40 -9.99 -11.83
C ALA A 179 -13.57 -10.81 -11.28
N SER A 180 -13.45 -12.14 -11.31
CA SER A 180 -14.53 -13.02 -10.83
C SER A 180 -14.49 -13.39 -9.35
N LYS A 181 -13.39 -13.05 -8.66
CA LYS A 181 -13.21 -13.36 -7.24
C LYS A 181 -14.33 -12.71 -6.40
N PRO A 182 -14.88 -13.44 -5.41
CA PRO A 182 -15.96 -12.87 -4.58
C PRO A 182 -15.52 -11.57 -3.89
N LYS A 183 -14.28 -11.55 -3.44
CA LYS A 183 -13.69 -10.39 -2.77
C LYS A 183 -13.62 -9.16 -3.67
N THR A 184 -13.25 -9.36 -4.94
CA THR A 184 -13.15 -8.25 -5.89
C THR A 184 -14.50 -7.55 -6.09
N SER A 185 -15.53 -8.35 -6.32
CA SER A 185 -16.87 -7.81 -6.53
C SER A 185 -17.36 -7.08 -5.27
N ALA A 186 -17.08 -7.66 -4.10
CA ALA A 186 -17.52 -7.10 -2.81
C ALA A 186 -16.92 -5.74 -2.53
N ILE A 187 -15.61 -5.60 -2.68
CA ILE A 187 -14.98 -4.31 -2.39
C ILE A 187 -15.46 -3.20 -3.37
N VAL A 188 -15.69 -3.56 -4.63
CA VAL A 188 -16.19 -2.61 -5.59
C VAL A 188 -17.60 -2.17 -5.14
N LYS A 189 -18.44 -3.14 -4.80
CA LYS A 189 -19.80 -2.81 -4.38
C LYS A 189 -19.83 -1.96 -3.10
N ARG A 190 -19.05 -2.35 -2.11
CA ARG A 190 -18.99 -1.64 -0.84
C ARG A 190 -18.42 -0.24 -0.93
N VAL A 191 -17.38 -0.06 -1.73
CA VAL A 191 -16.78 1.24 -1.90
C VAL A 191 -17.78 2.17 -2.61
N LYS A 192 -18.52 1.65 -3.60
CA LYS A 192 -19.52 2.50 -4.26
C LYS A 192 -20.56 2.97 -3.21
N LYS A 193 -21.02 2.05 -2.37
CA LYS A 193 -22.00 2.35 -1.34
C LYS A 193 -21.48 3.38 -0.32
N TRP A 194 -20.23 3.23 0.11
CA TRP A 194 -19.66 4.15 1.08
C TRP A 194 -19.49 5.53 0.48
N ARG A 195 -19.08 5.59 -0.78
CA ARG A 195 -18.89 6.88 -1.43
C ARG A 195 -20.23 7.57 -1.62
N ALA A 196 -21.24 6.81 -1.97
CA ALA A 196 -22.60 7.35 -2.15
C ALA A 196 -23.13 7.93 -0.83
N ALA A 197 -22.63 7.41 0.29
CA ALA A 197 -23.03 7.87 1.62
C ALA A 197 -22.18 9.03 2.13
N GLY A 198 -21.19 9.43 1.34
CA GLY A 198 -20.34 10.54 1.71
C GLY A 198 -19.02 10.18 2.38
N VAL A 199 -18.65 8.91 2.40
CA VAL A 199 -17.40 8.52 3.05
C VAL A 199 -16.25 8.93 2.13
N PRO A 200 -15.27 9.71 2.66
CA PRO A 200 -14.13 10.15 1.84
C PRO A 200 -13.10 9.08 1.47
N ILE A 201 -13.43 8.24 0.49
CA ILE A 201 -12.48 7.21 0.02
C ILE A 201 -11.98 7.63 -1.37
N ASP A 202 -10.72 8.03 -1.42
CA ASP A 202 -10.10 8.50 -2.66
C ASP A 202 -9.50 7.39 -3.51
N GLY A 203 -9.13 6.26 -2.91
CA GLY A 203 -8.52 5.22 -3.72
C GLY A 203 -8.68 3.81 -3.24
N ILE A 204 -8.53 2.86 -4.16
CA ILE A 204 -8.59 1.45 -3.78
C ILE A 204 -7.17 0.96 -4.06
N GLY A 205 -6.53 0.39 -3.05
CA GLY A 205 -5.20 -0.15 -3.26
C GLY A 205 -5.30 -1.66 -3.46
N SER A 206 -4.65 -2.19 -4.49
CA SER A 206 -4.68 -3.64 -4.73
C SER A 206 -3.25 -4.12 -4.47
N GLN A 207 -3.06 -4.91 -3.43
CA GLN A 207 -1.73 -5.38 -3.04
C GLN A 207 -1.02 -6.12 -4.17
N THR A 208 -1.74 -7.02 -4.86
CA THR A 208 -1.17 -7.75 -6.00
C THR A 208 0.02 -8.67 -5.67
N HIS A 209 -0.18 -9.55 -4.68
CA HIS A 209 0.81 -10.55 -4.32
C HIS A 209 0.39 -11.73 -5.20
N LEU A 210 1.07 -11.87 -6.34
CA LEU A 210 0.70 -12.89 -7.32
C LEU A 210 1.48 -14.20 -7.33
N SER A 211 0.85 -15.19 -7.93
CA SER A 211 1.47 -16.48 -8.13
C SER A 211 1.86 -16.48 -9.60
N ALA A 212 2.81 -17.32 -9.97
CA ALA A 212 3.25 -17.41 -11.36
C ALA A 212 2.10 -17.69 -12.34
N GLY A 213 2.01 -16.84 -13.38
CA GLY A 213 0.99 -16.98 -14.40
C GLY A 213 -0.28 -16.19 -14.14
N GLN A 214 -0.34 -15.54 -12.99
CA GLN A 214 -1.53 -14.79 -12.61
C GLN A 214 -1.65 -13.36 -13.14
N GLY A 215 -0.56 -12.83 -13.67
CA GLY A 215 -0.51 -11.47 -14.19
C GLY A 215 -1.56 -11.14 -15.24
N ALA A 216 -1.84 -12.13 -16.10
CA ALA A 216 -2.83 -11.94 -17.15
C ALA A 216 -4.20 -11.54 -16.58
N SER A 217 -4.53 -12.06 -15.40
CA SER A 217 -5.83 -11.78 -14.76
C SER A 217 -6.01 -10.34 -14.32
N ILE A 218 -4.93 -9.67 -14.00
CA ILE A 218 -5.07 -8.29 -13.57
C ILE A 218 -5.41 -7.33 -14.72
N ASP A 219 -5.25 -7.79 -15.97
CA ASP A 219 -5.61 -6.98 -17.16
C ASP A 219 -7.12 -6.71 -17.12
N ALA A 220 -7.87 -7.67 -16.57
CA ALA A 220 -9.31 -7.57 -16.47
C ALA A 220 -9.78 -7.12 -15.07
N ALA A 221 -9.03 -7.48 -14.04
CA ALA A 221 -9.40 -7.13 -12.67
C ALA A 221 -9.28 -5.64 -12.36
N LEU A 222 -8.21 -5.02 -12.83
CA LEU A 222 -7.98 -3.60 -12.55
C LEU A 222 -9.07 -2.67 -13.09
N PRO A 223 -9.54 -2.89 -14.35
CA PRO A 223 -10.61 -2.01 -14.87
C PRO A 223 -11.87 -2.14 -13.99
N ASN A 224 -12.10 -3.32 -13.47
CA ASN A 224 -13.25 -3.58 -12.61
C ASN A 224 -13.12 -2.76 -11.32
N LEU A 225 -11.94 -2.78 -10.70
CA LEU A 225 -11.72 -2.00 -9.48
C LEU A 225 -11.90 -0.53 -9.78
N ALA A 226 -11.46 -0.10 -10.96
CA ALA A 226 -11.59 1.30 -11.34
C ALA A 226 -13.05 1.69 -11.53
N SER A 227 -13.93 0.72 -11.77
CA SER A 227 -15.36 1.03 -11.96
C SER A 227 -16.09 1.52 -10.68
N ALA A 228 -15.48 1.35 -9.51
CA ALA A 228 -16.08 1.82 -8.25
C ALA A 228 -16.19 3.35 -8.21
N GLY A 229 -15.49 4.02 -9.12
CA GLY A 229 -15.55 5.46 -9.19
C GLY A 229 -14.61 6.26 -8.33
N THR A 230 -13.66 5.62 -7.66
CA THR A 230 -12.67 6.36 -6.83
C THR A 230 -11.72 7.15 -7.75
N PRO A 231 -11.28 8.35 -7.34
CA PRO A 231 -10.35 9.16 -8.15
C PRO A 231 -9.10 8.38 -8.56
N GLU A 232 -8.63 7.49 -7.70
CA GLU A 232 -7.42 6.72 -7.98
C GLU A 232 -7.55 5.25 -7.65
N VAL A 233 -6.65 4.48 -8.24
CA VAL A 233 -6.50 3.08 -7.97
C VAL A 233 -4.97 2.94 -8.05
N ALA A 234 -4.42 1.92 -7.38
CA ALA A 234 -2.98 1.72 -7.40
C ALA A 234 -2.63 0.29 -7.07
N ILE A 235 -1.50 -0.17 -7.59
CA ILE A 235 -0.98 -1.50 -7.30
C ILE A 235 -0.04 -1.15 -6.14
N THR A 236 -0.35 -1.64 -4.95
CA THR A 236 0.41 -1.25 -3.76
C THR A 236 1.53 -2.11 -3.17
N GLU A 237 1.54 -3.43 -3.38
CA GLU A 237 2.58 -4.27 -2.79
C GLU A 237 2.90 -5.43 -3.74
N LEU A 238 3.16 -5.07 -4.98
CA LEU A 238 3.45 -6.04 -6.04
C LEU A 238 4.66 -6.91 -5.82
N ASP A 239 4.44 -8.20 -6.02
CA ASP A 239 5.52 -9.18 -6.02
C ASP A 239 4.90 -10.39 -6.68
N ILE A 240 5.72 -11.17 -7.38
CA ILE A 240 5.18 -12.33 -8.07
C ILE A 240 6.13 -13.52 -7.97
N ALA A 241 5.60 -14.62 -7.43
CA ALA A 241 6.39 -15.85 -7.27
C ALA A 241 7.07 -16.20 -8.61
N GLY A 242 8.39 -16.34 -8.57
CA GLY A 242 9.13 -16.69 -9.77
C GLY A 242 9.60 -15.49 -10.56
N ALA A 243 8.97 -14.34 -10.35
CA ALA A 243 9.29 -13.10 -11.01
C ALA A 243 9.37 -13.17 -12.55
N THR A 244 8.46 -13.89 -13.21
CA THR A 244 8.55 -13.90 -14.69
C THR A 244 8.20 -12.54 -15.28
N SER A 245 8.92 -12.17 -16.33
CA SER A 245 8.71 -10.92 -17.03
C SER A 245 7.30 -10.84 -17.61
N THR A 246 6.72 -11.97 -17.99
CA THR A 246 5.37 -11.98 -18.55
C THR A 246 4.37 -11.47 -17.50
N ASP A 247 4.46 -11.97 -16.27
CA ASP A 247 3.58 -11.52 -15.20
C ASP A 247 3.81 -10.05 -14.87
N TYR A 248 5.06 -9.64 -14.70
CA TYR A 248 5.36 -8.25 -14.41
C TYR A 248 4.90 -7.25 -15.49
N VAL A 249 5.14 -7.57 -16.76
CA VAL A 249 4.73 -6.70 -17.88
C VAL A 249 3.20 -6.58 -17.94
N ASP A 250 2.49 -7.68 -17.70
CA ASP A 250 1.05 -7.66 -17.68
C ASP A 250 0.49 -6.71 -16.60
N VAL A 251 1.08 -6.73 -15.41
CA VAL A 251 0.63 -5.84 -14.34
C VAL A 251 0.93 -4.39 -14.72
N VAL A 252 2.11 -4.12 -15.24
CA VAL A 252 2.44 -2.77 -15.68
C VAL A 252 1.42 -2.32 -16.74
N ASN A 253 1.12 -3.20 -17.71
CA ASN A 253 0.19 -2.87 -18.80
C ASN A 253 -1.22 -2.59 -18.30
N ALA A 254 -1.65 -3.36 -17.30
CA ALA A 254 -2.96 -3.18 -16.73
C ALA A 254 -3.06 -1.75 -16.20
N CYS A 255 -2.01 -1.28 -15.52
CA CYS A 255 -1.99 0.07 -14.97
C CYS A 255 -1.99 1.11 -16.10
N LEU A 256 -1.24 0.87 -17.18
CA LEU A 256 -1.21 1.80 -18.30
C LEU A 256 -2.57 1.90 -18.99
N ASP A 257 -3.31 0.80 -19.00
CA ASP A 257 -4.63 0.78 -19.65
C ASP A 257 -5.73 1.46 -18.84
N VAL A 258 -5.50 1.63 -17.55
CA VAL A 258 -6.49 2.22 -16.65
C VAL A 258 -6.05 3.62 -16.26
N ASP A 259 -6.80 4.60 -16.73
CA ASP A 259 -6.50 6.01 -16.50
C ASP A 259 -6.32 6.35 -15.02
N SER A 260 -7.21 5.86 -14.17
CA SER A 260 -7.13 6.17 -12.75
C SER A 260 -6.01 5.47 -11.94
N CYS A 261 -5.31 4.51 -12.55
CA CYS A 261 -4.20 3.83 -11.87
C CYS A 261 -3.06 4.81 -11.83
N ILE A 262 -2.68 5.28 -10.65
CA ILE A 262 -1.61 6.29 -10.62
C ILE A 262 -0.19 5.81 -10.52
N GLY A 263 -0.01 4.55 -10.14
CA GLY A 263 1.34 4.05 -10.00
C GLY A 263 1.38 2.66 -9.44
N ILE A 264 2.60 2.17 -9.25
CA ILE A 264 2.85 0.83 -8.77
C ILE A 264 3.94 0.86 -7.71
N THR A 265 3.78 0.06 -6.67
CA THR A 265 4.77 -0.06 -5.62
C THR A 265 5.12 -1.53 -5.56
N VAL A 266 6.42 -1.86 -5.65
CA VAL A 266 6.83 -3.25 -5.52
C VAL A 266 7.25 -3.46 -4.05
N TRP A 267 6.87 -4.60 -3.50
CA TRP A 267 7.13 -4.88 -2.08
C TRP A 267 8.55 -5.33 -1.72
N GLY A 268 9.51 -4.43 -1.88
CA GLY A 268 10.88 -4.77 -1.57
C GLY A 268 11.80 -4.55 -2.77
N VAL A 269 13.08 -4.47 -2.48
CA VAL A 269 14.08 -4.26 -3.51
C VAL A 269 14.72 -5.58 -3.96
N ALA A 270 15.44 -6.24 -3.06
CA ALA A 270 16.16 -7.47 -3.40
C ALA A 270 15.52 -8.72 -2.85
N ASP A 271 15.53 -9.79 -3.64
CA ASP A 271 14.93 -11.07 -3.27
C ASP A 271 15.06 -11.60 -1.85
N PRO A 272 16.30 -11.68 -1.32
CA PRO A 272 16.45 -12.21 0.05
C PRO A 272 15.75 -11.41 1.17
N ASP A 273 15.38 -10.16 0.88
CA ASP A 273 14.70 -9.32 1.88
C ASP A 273 13.19 -9.35 1.74
N SER A 274 12.69 -10.20 0.84
CA SER A 274 11.25 -10.35 0.63
C SER A 274 10.62 -11.15 1.76
N TRP A 275 9.37 -10.83 2.08
CA TRP A 275 8.63 -11.56 3.09
C TRP A 275 8.48 -13.01 2.64
N ARG A 276 8.61 -13.27 1.34
CA ARG A 276 8.55 -14.65 0.80
C ARG A 276 9.75 -14.84 -0.12
N ALA A 277 10.93 -14.66 0.45
CA ALA A 277 12.20 -14.74 -0.26
C ALA A 277 12.41 -16.03 -1.03
N SER A 278 11.87 -17.12 -0.52
CA SER A 278 11.99 -18.43 -1.17
C SER A 278 11.47 -18.47 -2.62
N THR A 279 10.54 -17.56 -2.94
CA THR A 279 9.97 -17.51 -4.27
C THR A 279 10.68 -16.50 -5.20
N THR A 280 11.72 -15.79 -4.65
CA THR A 280 12.50 -14.85 -5.47
C THR A 280 11.53 -14.03 -6.32
N PRO A 281 10.57 -13.37 -5.71
CA PRO A 281 9.52 -12.60 -6.39
C PRO A 281 9.77 -11.13 -6.76
N LEU A 282 10.97 -10.62 -6.49
CA LEU A 282 11.26 -9.20 -6.72
C LEU A 282 12.05 -8.90 -8.01
N LEU A 283 12.35 -7.63 -8.25
CA LEU A 283 13.05 -7.21 -9.47
C LEU A 283 14.56 -7.18 -9.43
N PHE A 284 15.13 -7.27 -8.22
CA PHE A 284 16.59 -7.30 -8.03
C PHE A 284 16.91 -8.59 -7.29
N ASP A 285 18.00 -9.24 -7.70
CA ASP A 285 18.41 -10.51 -7.11
C ASP A 285 19.21 -10.35 -5.80
N GLY A 286 19.65 -11.48 -5.23
CA GLY A 286 20.43 -11.47 -4.00
C GLY A 286 21.73 -10.70 -4.07
N ASN A 287 22.25 -10.45 -5.28
CA ASN A 287 23.49 -9.69 -5.46
C ASN A 287 23.19 -8.24 -5.83
N PHE A 288 21.91 -7.84 -5.69
CA PHE A 288 21.44 -6.50 -5.99
C PHE A 288 21.54 -6.12 -7.47
N ASN A 289 21.53 -7.11 -8.37
CA ASN A 289 21.59 -6.83 -9.79
C ASN A 289 20.17 -6.90 -10.35
N PRO A 290 19.84 -6.06 -11.35
CA PRO A 290 18.49 -6.10 -11.92
C PRO A 290 18.24 -7.44 -12.65
N LYS A 291 17.04 -7.97 -12.47
CA LYS A 291 16.62 -9.22 -13.08
C LYS A 291 15.96 -8.98 -14.44
N PRO A 292 15.83 -10.04 -15.28
CA PRO A 292 15.20 -9.92 -16.61
C PRO A 292 13.86 -9.16 -16.61
N ALA A 293 13.05 -9.36 -15.57
CA ALA A 293 11.75 -8.68 -15.46
C ALA A 293 11.93 -7.15 -15.36
N TYR A 294 12.99 -6.68 -14.71
CA TYR A 294 13.21 -5.24 -14.60
C TYR A 294 13.42 -4.69 -16.03
N ASN A 295 14.33 -5.32 -16.77
CA ASN A 295 14.63 -4.91 -18.15
C ASN A 295 13.41 -5.03 -19.06
N ALA A 296 12.58 -6.05 -18.85
CA ALA A 296 11.37 -6.22 -19.67
C ALA A 296 10.38 -5.09 -19.42
N ILE A 297 10.31 -4.61 -18.17
CA ILE A 297 9.40 -3.50 -17.83
C ILE A 297 9.95 -2.23 -18.47
N VAL A 298 11.28 -2.07 -18.44
CA VAL A 298 11.91 -0.88 -19.05
C VAL A 298 11.59 -0.80 -20.56
N GLN A 299 11.82 -1.90 -21.30
CA GLN A 299 11.57 -1.98 -22.74
C GLN A 299 10.12 -1.75 -23.05
N LEU A 300 9.22 -2.28 -22.24
CA LEU A 300 7.78 -2.08 -22.44
C LEU A 300 7.37 -0.61 -22.28
N LEU A 301 8.04 0.08 -21.36
CA LEU A 301 7.75 1.49 -21.13
C LEU A 301 8.37 2.45 -22.14
#